data_4A5N
#
_entry.id   4A5N
#
_cell.length_a   54.930
_cell.length_b   68.030
_cell.length_c   60.420
_cell.angle_alpha   90.00
_cell.angle_beta   97.45
_cell.angle_gamma   90.00
#
_symmetry.space_group_name_H-M   'P 1 21 1'
#
loop_
_entity.id
_entity.type
_entity.pdbx_description
1 polymer 'UNCHARACTERIZED HTH-TYPE TRANSCRIPTIONAL REGULATOR YYBR'
2 non-polymer BETA-MERCAPTOETHANOL
3 non-polymer 1,2-ETHANEDIOL
4 water water
#
_entity_poly.entity_id   1
_entity_poly.type   'polypeptide(L)'
_entity_poly.pdbx_seq_one_letter_code
;MSEKKNIYPNKEGSPVEFTLDVIGGKWKGILFYHMIDGKKRFNEFRRICPSITQRMLTLQLRELEADGIVHREVYHQVPP
KVEYSLTEFGRTLEPIVLQMKEWGESNRDVLESYRSNGLVKDQQKHHHHHH
;
_entity_poly.pdbx_strand_id   A,B,C,D
#
loop_
_chem_comp.id
_chem_comp.type
_chem_comp.name
_chem_comp.formula
BME non-polymer BETA-MERCAPTOETHANOL 'C2 H6 O S'
EDO non-polymer 1,2-ETHANEDIOL 'C2 H6 O2'
#
# COMPACT_ATOMS: atom_id res chain seq x y z
N GLY A 13 2.92 -11.35 -27.55
CA GLY A 13 1.82 -11.13 -26.54
C GLY A 13 1.92 -9.72 -25.92
N SER A 14 0.80 -9.02 -25.84
CA SER A 14 0.80 -7.67 -25.26
C SER A 14 1.22 -7.72 -23.79
N PRO A 15 2.28 -6.98 -23.44
CA PRO A 15 2.65 -6.95 -22.04
C PRO A 15 1.58 -6.31 -21.13
N VAL A 16 0.75 -5.42 -21.68
CA VAL A 16 -0.38 -4.87 -20.93
C VAL A 16 -1.35 -5.99 -20.53
N GLU A 17 -1.76 -6.80 -21.52
CA GLU A 17 -2.64 -7.94 -21.26
C GLU A 17 -1.96 -9.03 -20.38
N PHE A 18 -0.65 -9.11 -20.46
CA PHE A 18 0.09 -10.00 -19.55
C PHE A 18 -0.10 -9.62 -18.07
N THR A 19 0.06 -8.33 -17.77
CA THR A 19 -0.15 -7.80 -16.44
C THR A 19 -1.58 -7.97 -15.98
N LEU A 20 -2.53 -7.64 -16.85
CA LEU A 20 -3.96 -7.82 -16.52
C LEU A 20 -4.33 -9.29 -16.22
N ASP A 21 -3.63 -10.24 -16.83
CA ASP A 21 -3.85 -11.66 -16.50
C ASP A 21 -3.51 -11.97 -15.05
N VAL A 22 -2.57 -11.23 -14.48
CA VAL A 22 -2.08 -11.50 -13.14
C VAL A 22 -2.98 -10.87 -12.09
N ILE A 23 -3.39 -9.63 -12.35
CA ILE A 23 -4.04 -8.78 -11.35
C ILE A 23 -5.51 -8.50 -11.70
N GLY A 24 -5.97 -9.05 -12.82
CA GLY A 24 -7.25 -8.72 -13.40
C GLY A 24 -8.39 -9.56 -12.93
N GLY A 25 -9.58 -9.28 -13.46
CA GLY A 25 -10.80 -9.96 -13.04
C GLY A 25 -11.49 -9.20 -11.93
N LYS A 26 -12.43 -9.86 -11.26
CA LYS A 26 -13.36 -9.26 -10.32
C LYS A 26 -12.83 -9.13 -8.88
N TRP A 27 -11.84 -9.94 -8.50
CA TRP A 27 -11.45 -10.07 -7.08
C TRP A 27 -10.02 -9.82 -6.72
N LYS A 28 -9.09 -10.10 -7.63
CA LYS A 28 -7.68 -10.16 -7.29
C LYS A 28 -7.18 -8.81 -6.81
N GLY A 29 -7.66 -7.73 -7.43
CA GLY A 29 -7.34 -6.38 -7.00
C GLY A 29 -7.74 -6.04 -5.56
N ILE A 30 -8.93 -6.51 -5.16
CA ILE A 30 -9.49 -6.34 -3.82
C ILE A 30 -8.66 -7.12 -2.80
N LEU A 31 -8.40 -8.38 -3.10
CA LEU A 31 -7.67 -9.20 -2.18
C LEU A 31 -6.25 -8.68 -2.01
N PHE A 32 -5.62 -8.29 -3.14
CA PHE A 32 -4.26 -7.77 -3.14
C PHE A 32 -4.25 -6.57 -2.25
N TYR A 33 -5.17 -5.68 -2.53
CA TYR A 33 -5.22 -4.45 -1.82
C TYR A 33 -5.28 -4.70 -0.30
N HIS A 34 -6.04 -5.72 0.10
CA HIS A 34 -6.22 -6.01 1.53
C HIS A 34 -5.06 -6.71 2.18
N MET A 35 -4.04 -7.10 1.42
CA MET A 35 -2.79 -7.64 2.00
C MET A 35 -1.71 -6.56 2.08
N ILE A 36 -1.97 -5.44 1.43
CA ILE A 36 -0.95 -4.37 1.43
C ILE A 36 -0.57 -4.01 2.86
N ASP A 37 -1.56 -4.00 3.76
CA ASP A 37 -1.32 -3.47 5.13
C ASP A 37 -1.08 -4.62 6.12
N GLY A 38 -0.83 -5.82 5.59
CA GLY A 38 -0.43 -6.95 6.45
C GLY A 38 -1.10 -8.26 6.02
N LYS A 39 -0.56 -9.37 6.49
CA LYS A 39 -1.12 -10.70 6.23
C LYS A 39 -2.59 -10.81 6.71
N LYS A 40 -3.37 -11.66 6.04
CA LYS A 40 -4.77 -11.80 6.30
C LYS A 40 -5.09 -13.26 6.38
N ARG A 41 -6.00 -13.59 7.29
CA ARG A 41 -6.60 -14.92 7.33
C ARG A 41 -7.80 -14.96 6.37
N PHE A 42 -8.21 -16.19 6.02
CA PHE A 42 -9.33 -16.45 5.12
C PHE A 42 -10.61 -15.73 5.53
N ASN A 43 -11.00 -15.89 6.79
CA ASN A 43 -12.22 -15.26 7.26
C ASN A 43 -12.08 -13.75 7.28
N GLU A 44 -10.84 -13.26 7.29
CA GLU A 44 -10.63 -11.79 7.21
C GLU A 44 -11.02 -11.24 5.85
N PHE A 45 -10.62 -11.94 4.80
CA PHE A 45 -11.07 -11.64 3.45
C PHE A 45 -12.60 -11.72 3.31
N ARG A 46 -13.22 -12.76 3.86
N ARG A 46 -13.19 -12.77 3.88
CA ARG A 46 -14.69 -12.89 3.74
CA ARG A 46 -14.65 -12.95 3.83
C ARG A 46 -15.43 -11.70 4.37
C ARG A 46 -15.41 -11.73 4.38
N ARG A 47 -14.91 -11.19 5.49
CA ARG A 47 -15.50 -10.03 6.16
C ARG A 47 -15.36 -8.75 5.35
N ILE A 48 -14.16 -8.55 4.82
CA ILE A 48 -13.81 -7.46 3.89
C ILE A 48 -14.64 -7.50 2.61
N CYS A 49 -14.84 -8.69 2.07
N CYS A 49 -14.78 -8.69 2.03
CA CYS A 49 -15.53 -8.86 0.81
CA CYS A 49 -15.56 -8.89 0.80
C CYS A 49 -16.73 -9.81 0.97
C CYS A 49 -16.73 -9.83 1.03
N PRO A 50 -17.82 -9.33 1.63
CA PRO A 50 -18.99 -10.18 1.89
C PRO A 50 -19.65 -10.81 0.68
N SER A 51 -19.45 -10.24 -0.50
CA SER A 51 -20.01 -10.79 -1.74
C SER A 51 -19.27 -12.02 -2.26
N ILE A 52 -18.01 -12.20 -1.84
CA ILE A 52 -17.21 -13.30 -2.35
C ILE A 52 -17.60 -14.59 -1.63
N THR A 53 -17.68 -15.67 -2.39
CA THR A 53 -18.04 -16.99 -1.86
C THR A 53 -16.73 -17.67 -1.43
N GLN A 54 -16.84 -18.68 -0.56
CA GLN A 54 -15.65 -19.35 -0.10
CA GLN A 54 -15.67 -19.46 -0.09
C GLN A 54 -14.87 -20.02 -1.26
N ARG A 55 -15.58 -20.66 -2.20
CA ARG A 55 -14.97 -21.29 -3.38
CA ARG A 55 -14.95 -21.30 -3.35
C ARG A 55 -14.18 -20.31 -4.23
N MET A 56 -14.78 -19.15 -4.52
CA MET A 56 -14.12 -18.12 -5.31
C MET A 56 -12.90 -17.56 -4.62
N LEU A 57 -13.05 -17.22 -3.34
CA LEU A 57 -11.92 -16.78 -2.52
C LEU A 57 -10.76 -17.79 -2.62
N THR A 58 -11.04 -19.08 -2.42
CA THR A 58 -9.99 -20.12 -2.52
C THR A 58 -9.23 -20.15 -3.88
N LEU A 59 -9.99 -20.04 -4.97
CA LEU A 59 -9.45 -20.09 -6.31
C LEU A 59 -8.60 -18.87 -6.55
N GLN A 60 -9.14 -17.72 -6.21
CA GLN A 60 -8.43 -16.50 -6.50
C GLN A 60 -7.10 -16.48 -5.77
N LEU A 61 -7.10 -16.77 -4.47
CA LEU A 61 -5.90 -16.87 -3.71
C LEU A 61 -4.92 -17.98 -4.25
N ARG A 62 -5.43 -19.11 -4.68
CA ARG A 62 -4.54 -20.10 -5.29
C ARG A 62 -3.92 -19.59 -6.60
N GLU A 63 -4.66 -18.83 -7.41
CA GLU A 63 -4.12 -18.24 -8.64
C GLU A 63 -3.04 -17.24 -8.33
N LEU A 64 -3.31 -16.34 -7.39
CA LEU A 64 -2.28 -15.42 -6.97
C LEU A 64 -1.00 -16.08 -6.46
N GLU A 65 -1.13 -17.16 -5.69
CA GLU A 65 0.02 -17.92 -5.17
C GLU A 65 0.80 -18.62 -6.31
N ALA A 66 0.10 -19.18 -7.26
CA ALA A 66 0.73 -19.89 -8.42
C ALA A 66 1.61 -18.93 -9.22
N ASP A 67 1.16 -17.68 -9.23
CA ASP A 67 1.80 -16.54 -9.94
C ASP A 67 2.88 -15.81 -9.15
N GLY A 68 3.09 -16.20 -7.90
CA GLY A 68 4.24 -15.74 -7.16
C GLY A 68 3.94 -14.45 -6.46
N ILE A 69 2.66 -14.09 -6.47
CA ILE A 69 2.23 -12.78 -5.90
C ILE A 69 1.93 -12.86 -4.38
N VAL A 70 1.41 -13.98 -3.95
CA VAL A 70 0.90 -14.19 -2.60
C VAL A 70 1.60 -15.35 -1.97
N HIS A 71 1.95 -15.20 -0.71
CA HIS A 71 2.51 -16.34 0.05
C HIS A 71 1.47 -16.92 0.98
N ARG A 72 1.37 -18.24 0.99
CA ARG A 72 0.44 -18.90 1.90
C ARG A 72 1.22 -19.69 2.96
N GLU A 73 1.13 -19.22 4.20
CA GLU A 73 1.84 -19.82 5.34
C GLU A 73 0.88 -20.73 6.14
N VAL A 74 1.18 -22.03 6.19
CA VAL A 74 0.33 -22.94 6.97
C VAL A 74 1.01 -23.30 8.29
N TYR A 75 0.30 -23.06 9.39
CA TYR A 75 0.74 -23.47 10.73
C TYR A 75 0.08 -24.80 11.06
N HIS A 76 0.90 -25.81 11.28
CA HIS A 76 0.40 -27.18 11.40
C HIS A 76 0.00 -27.53 12.79
N GLN A 77 -1.11 -26.94 13.22
CA GLN A 77 -1.69 -27.21 14.52
C GLN A 77 -3.13 -27.55 14.23
N VAL A 78 -3.91 -27.86 15.24
CA VAL A 78 -5.29 -28.27 15.02
C VAL A 78 -6.20 -27.28 15.74
N PRO A 79 -7.08 -26.56 15.01
CA PRO A 79 -7.18 -26.45 13.55
C PRO A 79 -6.04 -25.59 13.03
N PRO A 80 -5.60 -25.82 11.79
CA PRO A 80 -4.43 -25.09 11.29
C PRO A 80 -4.73 -23.61 11.06
N LYS A 81 -3.77 -22.74 11.32
CA LYS A 81 -3.91 -21.34 10.94
C LYS A 81 -3.29 -21.17 9.56
N VAL A 82 -3.91 -20.39 8.69
CA VAL A 82 -3.34 -20.14 7.38
C VAL A 82 -3.35 -18.65 7.22
N GLU A 83 -2.23 -18.12 6.78
CA GLU A 83 -2.10 -16.68 6.63
C GLU A 83 -1.66 -16.35 5.24
N TYR A 84 -2.30 -15.37 4.63
CA TYR A 84 -2.02 -14.98 3.27
C TYR A 84 -1.33 -13.64 3.23
N SER A 85 -0.24 -13.57 2.47
CA SER A 85 0.53 -12.30 2.41
C SER A 85 1.11 -12.07 1.02
N LEU A 86 1.43 -10.83 0.74
CA LEU A 86 2.13 -10.48 -0.48
C LEU A 86 3.61 -10.84 -0.38
N THR A 87 4.13 -11.43 -1.46
CA THR A 87 5.55 -11.72 -1.60
C THR A 87 6.30 -10.39 -1.95
N GLU A 88 7.62 -10.40 -1.88
CA GLU A 88 8.45 -9.27 -2.38
C GLU A 88 8.07 -8.96 -3.80
N PHE A 89 7.89 -10.03 -4.60
CA PHE A 89 7.54 -9.84 -6.00
C PHE A 89 6.17 -9.21 -6.11
N GLY A 90 5.23 -9.66 -5.27
CA GLY A 90 3.86 -9.25 -5.36
C GLY A 90 3.80 -7.77 -5.10
N ARG A 91 4.64 -7.30 -4.18
CA ARG A 91 4.55 -5.88 -3.79
C ARG A 91 5.00 -4.98 -4.91
N THR A 92 5.64 -5.52 -5.93
CA THR A 92 6.02 -4.66 -7.05
C THR A 92 4.80 -4.23 -7.87
N LEU A 93 3.63 -4.85 -7.63
CA LEU A 93 2.40 -4.49 -8.30
C LEU A 93 1.68 -3.38 -7.58
N GLU A 94 2.21 -2.96 -6.43
CA GLU A 94 1.51 -1.98 -5.62
C GLU A 94 1.25 -0.68 -6.35
N PRO A 95 2.25 -0.16 -7.10
CA PRO A 95 1.97 1.12 -7.75
C PRO A 95 0.83 1.02 -8.72
N ILE A 96 0.77 -0.07 -9.49
CA ILE A 96 -0.34 -0.25 -10.40
C ILE A 96 -1.66 -0.34 -9.61
N VAL A 97 -1.75 -1.18 -8.58
CA VAL A 97 -3.02 -1.46 -7.89
C VAL A 97 -3.51 -0.20 -7.16
N LEU A 98 -2.60 0.49 -6.52
CA LEU A 98 -2.97 1.70 -5.75
C LEU A 98 -3.36 2.84 -6.67
N GLN A 99 -2.61 3.04 -7.74
CA GLN A 99 -2.99 4.00 -8.75
C GLN A 99 -4.36 3.75 -9.41
N MET A 100 -4.70 2.48 -9.66
CA MET A 100 -6.05 2.14 -10.08
C MET A 100 -7.09 2.43 -9.02
N LYS A 101 -6.77 2.15 -7.77
CA LYS A 101 -7.63 2.57 -6.68
C LYS A 101 -7.89 4.09 -6.73
N GLU A 102 -6.81 4.86 -6.86
CA GLU A 102 -6.90 6.30 -6.85
C GLU A 102 -7.70 6.85 -8.04
N TRP A 103 -7.50 6.26 -9.21
CA TRP A 103 -8.21 6.66 -10.41
C TRP A 103 -9.70 6.35 -10.28
N GLY A 104 -10.02 5.16 -9.77
CA GLY A 104 -11.41 4.75 -9.59
C GLY A 104 -12.14 5.64 -8.60
N GLU A 105 -11.50 5.98 -7.48
CA GLU A 105 -12.07 6.94 -6.52
C GLU A 105 -12.26 8.31 -7.14
N SER A 106 -11.22 8.81 -7.80
CA SER A 106 -11.24 10.16 -8.38
C SER A 106 -12.22 10.34 -9.51
N ASN A 107 -12.41 9.30 -10.31
CA ASN A 107 -13.16 9.40 -11.56
C ASN A 107 -14.47 8.64 -11.59
N ARG A 108 -14.85 8.06 -10.44
CA ARG A 108 -16.12 7.35 -10.28
C ARG A 108 -17.31 8.16 -10.81
N ASP A 109 -17.45 9.41 -10.35
CA ASP A 109 -18.57 10.30 -10.75
C ASP A 109 -18.65 10.55 -12.26
N VAL A 110 -17.56 11.01 -12.85
CA VAL A 110 -17.53 11.25 -14.30
C VAL A 110 -17.88 10.01 -15.10
N LEU A 111 -17.37 8.86 -14.66
CA LEU A 111 -17.56 7.62 -15.37
C LEU A 111 -19.01 7.14 -15.33
N GLU A 112 -19.61 7.19 -14.15
CA GLU A 112 -21.03 6.90 -14.01
C GLU A 112 -21.95 7.90 -14.77
N SER A 113 -21.56 9.16 -14.86
CA SER A 113 -22.32 10.13 -15.66
C SER A 113 -22.24 9.83 -17.18
N TYR A 114 -21.10 9.30 -17.65
CA TYR A 114 -20.99 8.80 -19.04
C TYR A 114 -21.86 7.55 -19.26
N ARG A 115 -21.96 6.72 -18.22
CA ARG A 115 -22.76 5.49 -18.26
C ARG A 115 -24.28 5.71 -18.03
N SER A 116 -24.75 6.95 -18.14
CA SER A 116 -26.19 7.24 -18.10
C SER A 116 -26.49 8.61 -18.72
N GLY B 13 -18.82 -0.33 -4.21
CA GLY B 13 -17.90 -1.20 -5.00
C GLY B 13 -16.44 -0.77 -4.87
N SER B 14 -15.54 -1.74 -4.93
CA SER B 14 -14.11 -1.48 -4.87
C SER B 14 -13.68 -0.53 -5.98
N PRO B 15 -12.96 0.56 -5.65
CA PRO B 15 -12.45 1.43 -6.73
C PRO B 15 -11.39 0.77 -7.64
N VAL B 16 -10.65 -0.23 -7.14
CA VAL B 16 -9.71 -1.00 -7.96
C VAL B 16 -10.46 -1.83 -9.01
N GLU B 17 -11.49 -2.52 -8.59
CA GLU B 17 -12.33 -3.27 -9.53
C GLU B 17 -13.10 -2.32 -10.49
N PHE B 18 -13.46 -1.14 -10.00
CA PHE B 18 -14.15 -0.12 -10.85
C PHE B 18 -13.22 0.26 -12.03
N THR B 19 -11.94 0.49 -11.72
CA THR B 19 -10.98 0.80 -12.78
C THR B 19 -10.73 -0.36 -13.72
N LEU B 20 -10.58 -1.56 -13.18
CA LEU B 20 -10.35 -2.74 -14.01
C LEU B 20 -11.55 -3.05 -14.92
N ASP B 21 -12.76 -2.66 -14.51
CA ASP B 21 -13.95 -2.83 -15.37
C ASP B 21 -13.92 -1.89 -16.59
N VAL B 22 -13.22 -0.76 -16.48
CA VAL B 22 -13.09 0.15 -17.59
C VAL B 22 -12.00 -0.26 -18.58
N ILE B 23 -10.89 -0.78 -18.07
CA ILE B 23 -9.67 -0.99 -18.88
C ILE B 23 -9.29 -2.46 -18.99
N GLY B 24 -10.05 -3.31 -18.29
CA GLY B 24 -9.72 -4.71 -18.19
C GLY B 24 -10.39 -5.57 -19.21
N GLY B 25 -10.11 -6.86 -19.14
CA GLY B 25 -10.60 -7.81 -20.12
C GLY B 25 -9.49 -8.07 -21.13
N LYS B 26 -9.76 -8.87 -22.15
CA LYS B 26 -8.69 -9.32 -23.02
C LYS B 26 -8.13 -8.30 -24.06
N TRP B 27 -8.89 -7.24 -24.37
CA TRP B 27 -8.62 -6.44 -25.53
C TRP B 27 -8.47 -4.97 -25.26
N LYS B 28 -9.12 -4.43 -24.25
CA LYS B 28 -9.15 -2.97 -24.14
C LYS B 28 -7.78 -2.36 -23.91
N GLY B 29 -6.95 -3.03 -23.13
CA GLY B 29 -5.59 -2.54 -22.86
C GLY B 29 -4.76 -2.35 -24.12
N ILE B 30 -4.84 -3.33 -25.02
CA ILE B 30 -4.14 -3.31 -26.29
C ILE B 30 -4.67 -2.18 -27.14
N LEU B 31 -6.00 -2.08 -27.24
CA LEU B 31 -6.67 -1.07 -28.07
C LEU B 31 -6.24 0.33 -27.59
N PHE B 32 -6.35 0.53 -26.28
CA PHE B 32 -5.94 1.74 -25.63
C PHE B 32 -4.49 2.10 -25.91
N TYR B 33 -3.59 1.16 -25.68
CA TYR B 33 -2.17 1.39 -25.89
C TYR B 33 -1.87 1.93 -27.28
N HIS B 34 -2.52 1.36 -28.28
CA HIS B 34 -2.27 1.70 -29.66
C HIS B 34 -2.87 3.03 -30.07
N MET B 35 -3.75 3.58 -29.25
CA MET B 35 -4.23 4.94 -29.49
C MET B 35 -3.40 5.99 -28.78
N ILE B 36 -2.45 5.58 -27.93
CA ILE B 36 -1.62 6.54 -27.19
C ILE B 36 -0.87 7.48 -28.16
N ASP B 37 -0.37 6.94 -29.27
CA ASP B 37 0.36 7.77 -30.24
C ASP B 37 -0.49 8.42 -31.33
N GLY B 38 -1.81 8.33 -31.20
CA GLY B 38 -2.78 8.95 -32.13
C GLY B 38 -3.88 8.03 -32.64
N LYS B 39 -4.81 8.62 -33.39
CA LYS B 39 -6.08 7.98 -33.80
C LYS B 39 -5.81 6.78 -34.70
N LYS B 40 -6.72 5.80 -34.68
CA LYS B 40 -6.59 4.57 -35.44
C LYS B 40 -7.92 4.22 -36.12
N ARG B 41 -7.84 3.61 -37.31
CA ARG B 41 -9.04 3.12 -37.96
C ARG B 41 -9.25 1.67 -37.52
N PHE B 42 -10.46 1.19 -37.73
CA PHE B 42 -10.89 -0.14 -37.32
C PHE B 42 -9.97 -1.21 -37.90
N ASN B 43 -9.67 -1.13 -39.19
CA ASN B 43 -8.73 -2.02 -39.84
C ASN B 43 -7.28 -2.00 -39.29
N GLU B 44 -6.85 -0.87 -38.72
CA GLU B 44 -5.53 -0.83 -38.10
C GLU B 44 -5.51 -1.67 -36.84
N PHE B 45 -6.62 -1.65 -36.09
CA PHE B 45 -6.78 -2.44 -34.89
C PHE B 45 -6.83 -3.95 -35.22
N ARG B 46 -7.52 -4.32 -36.30
CA ARG B 46 -7.58 -5.74 -36.73
C ARG B 46 -6.19 -6.28 -37.05
N ARG B 47 -5.34 -5.42 -37.63
CA ARG B 47 -3.95 -5.82 -37.88
C ARG B 47 -3.19 -5.90 -36.56
N ILE B 48 -3.51 -5.04 -35.60
CA ILE B 48 -2.86 -5.09 -34.28
C ILE B 48 -3.27 -6.41 -33.56
N CYS B 49 -4.52 -6.86 -33.73
CA CYS B 49 -4.99 -8.08 -33.06
C CYS B 49 -5.62 -9.00 -34.05
N PRO B 50 -4.82 -9.84 -34.75
CA PRO B 50 -5.42 -10.74 -35.73
C PRO B 50 -6.36 -11.80 -35.17
N SER B 51 -6.29 -12.15 -33.89
CA SER B 51 -7.29 -13.06 -33.35
C SER B 51 -8.61 -12.38 -32.89
N ILE B 52 -8.70 -11.04 -32.82
CA ILE B 52 -10.01 -10.41 -32.46
C ILE B 52 -10.96 -10.64 -33.67
N THR B 53 -12.25 -10.88 -33.39
CA THR B 53 -13.25 -10.98 -34.46
C THR B 53 -13.75 -9.57 -34.64
N GLN B 54 -14.31 -9.26 -35.81
CA GLN B 54 -14.77 -7.89 -36.09
C GLN B 54 -15.94 -7.46 -35.15
N ARG B 55 -16.87 -8.36 -34.83
CA ARG B 55 -17.93 -8.04 -33.86
C ARG B 55 -17.41 -7.73 -32.45
N MET B 56 -16.44 -8.51 -31.98
CA MET B 56 -15.82 -8.28 -30.68
C MET B 56 -15.05 -6.95 -30.66
N LEU B 57 -14.30 -6.65 -31.72
CA LEU B 57 -13.61 -5.34 -31.78
C LEU B 57 -14.62 -4.18 -31.70
N THR B 58 -15.72 -4.29 -32.45
CA THR B 58 -16.74 -3.24 -32.44
C THR B 58 -17.31 -3.08 -31.03
N LEU B 59 -17.58 -4.19 -30.35
CA LEU B 59 -18.17 -4.19 -29.01
C LEU B 59 -17.22 -3.58 -27.99
N GLN B 60 -15.96 -4.01 -28.04
CA GLN B 60 -14.96 -3.45 -27.12
C GLN B 60 -14.80 -1.95 -27.31
N LEU B 61 -14.77 -1.52 -28.58
CA LEU B 61 -14.63 -0.08 -28.87
C LEU B 61 -15.88 0.71 -28.43
N ARG B 62 -17.08 0.13 -28.59
CA ARG B 62 -18.33 0.77 -28.17
C ARG B 62 -18.36 0.96 -26.65
N GLU B 63 -17.87 -0.03 -25.91
CA GLU B 63 -17.83 0.09 -24.47
C GLU B 63 -16.85 1.15 -24.01
N LEU B 64 -15.65 1.19 -24.58
CA LEU B 64 -14.67 2.30 -24.29
C LEU B 64 -15.24 3.68 -24.61
N GLU B 65 -15.94 3.76 -25.74
CA GLU B 65 -16.69 4.98 -26.11
C GLU B 65 -17.80 5.31 -25.10
N ALA B 66 -18.58 4.29 -24.73
CA ALA B 66 -19.70 4.52 -23.81
C ALA B 66 -19.20 5.03 -22.45
N ASP B 67 -18.00 4.60 -22.03
CA ASP B 67 -17.41 4.97 -20.77
C ASP B 67 -16.66 6.31 -20.86
N GLY B 68 -16.66 6.92 -22.04
CA GLY B 68 -16.00 8.21 -22.26
C GLY B 68 -14.50 8.22 -22.47
N ILE B 69 -13.92 7.05 -22.69
CA ILE B 69 -12.47 6.86 -22.87
C ILE B 69 -11.99 7.00 -24.31
N VAL B 70 -12.88 6.67 -25.21
CA VAL B 70 -12.62 6.75 -26.63
C VAL B 70 -13.65 7.61 -27.36
N HIS B 71 -13.14 8.38 -28.31
CA HIS B 71 -13.93 9.18 -29.20
C HIS B 71 -13.98 8.46 -30.53
N ARG B 72 -15.18 8.34 -31.08
CA ARG B 72 -15.38 7.80 -32.44
C ARG B 72 -15.85 8.93 -33.38
N GLU B 73 -14.94 9.33 -34.26
CA GLU B 73 -15.19 10.39 -35.22
C GLU B 73 -15.60 9.75 -36.55
N VAL B 74 -16.81 10.09 -37.00
CA VAL B 74 -17.31 9.62 -38.28
C VAL B 74 -17.33 10.77 -39.30
N TYR B 75 -16.59 10.57 -40.39
CA TYR B 75 -16.57 11.50 -41.51
C TYR B 75 -17.69 11.14 -42.46
N HIS B 76 -18.40 12.17 -42.91
CA HIS B 76 -19.69 12.00 -43.56
C HIS B 76 -19.61 11.92 -45.05
N GLN B 77 -18.64 11.14 -45.55
CA GLN B 77 -18.59 10.78 -46.96
C GLN B 77 -18.95 9.31 -47.17
N VAL B 78 -18.87 8.84 -48.41
CA VAL B 78 -19.20 7.46 -48.70
C VAL B 78 -18.06 6.79 -49.46
N PRO B 79 -17.53 5.69 -48.92
CA PRO B 79 -17.86 5.06 -47.63
C PRO B 79 -17.28 5.90 -46.49
N PRO B 80 -17.98 6.01 -45.34
CA PRO B 80 -17.48 6.92 -44.28
C PRO B 80 -16.14 6.50 -43.65
N LYS B 81 -15.37 7.49 -43.25
CA LYS B 81 -14.11 7.25 -42.60
C LYS B 81 -14.46 7.27 -41.13
N VAL B 82 -13.98 6.25 -40.41
CA VAL B 82 -14.15 6.21 -38.96
C VAL B 82 -12.80 6.10 -38.24
N GLU B 83 -12.63 7.02 -37.29
CA GLU B 83 -11.39 7.12 -36.49
C GLU B 83 -11.65 7.11 -35.00
N TYR B 84 -10.89 6.29 -34.29
CA TYR B 84 -10.96 6.08 -32.85
C TYR B 84 -9.74 6.72 -32.18
N SER B 85 -9.99 7.49 -31.13
CA SER B 85 -8.91 8.16 -30.40
C SER B 85 -9.21 8.18 -28.94
N LEU B 86 -8.21 8.54 -28.14
CA LEU B 86 -8.40 8.70 -26.72
C LEU B 86 -8.98 10.08 -26.49
N THR B 87 -9.95 10.16 -25.61
CA THR B 87 -10.47 11.42 -25.14
C THR B 87 -9.47 11.94 -24.10
N GLU B 88 -9.57 13.21 -23.74
CA GLU B 88 -8.81 13.74 -22.63
C GLU B 88 -9.04 12.94 -21.33
N PHE B 89 -10.27 12.52 -21.08
CA PHE B 89 -10.58 11.70 -19.93
C PHE B 89 -9.86 10.34 -20.06
N GLY B 90 -9.98 9.75 -21.22
CA GLY B 90 -9.19 8.55 -21.56
C GLY B 90 -7.70 8.61 -21.23
N ARG B 91 -7.04 9.70 -21.64
CA ARG B 91 -5.62 9.93 -21.42
C ARG B 91 -5.24 9.93 -19.94
N THR B 92 -6.19 10.16 -19.03
CA THR B 92 -5.90 10.07 -17.58
C THR B 92 -5.58 8.65 -17.12
N LEU B 93 -5.98 7.64 -17.91
CA LEU B 93 -5.57 6.26 -17.67
C LEU B 93 -4.26 5.89 -18.29
N GLU B 94 -3.66 6.79 -19.08
CA GLU B 94 -2.38 6.47 -19.74
C GLU B 94 -1.21 6.04 -18.81
N PRO B 95 -1.01 6.73 -17.67
CA PRO B 95 0.06 6.33 -16.75
C PRO B 95 -0.08 4.93 -16.23
N ILE B 96 -1.30 4.56 -15.89
CA ILE B 96 -1.59 3.22 -15.41
C ILE B 96 -1.32 2.20 -16.55
N VAL B 97 -1.81 2.50 -17.76
CA VAL B 97 -1.57 1.58 -18.91
C VAL B 97 -0.09 1.45 -19.23
N LEU B 98 0.66 2.55 -19.21
CA LEU B 98 2.09 2.46 -19.45
C LEU B 98 2.82 1.64 -18.34
N GLN B 99 2.42 1.77 -17.07
CA GLN B 99 2.97 0.93 -16.02
C GLN B 99 2.72 -0.55 -16.22
N MET B 100 1.53 -0.89 -16.69
CA MET B 100 1.22 -2.28 -17.00
C MET B 100 2.14 -2.80 -18.12
N LYS B 101 2.33 -2.00 -19.16
CA LYS B 101 3.25 -2.37 -20.23
C LYS B 101 4.63 -2.71 -19.64
N GLU B 102 5.18 -1.75 -18.89
N GLU B 102 5.15 -1.77 -18.84
CA GLU B 102 6.52 -1.89 -18.30
CA GLU B 102 6.51 -1.84 -18.31
C GLU B 102 6.63 -3.09 -17.37
C GLU B 102 6.70 -2.93 -17.24
N TRP B 103 5.65 -3.24 -16.47
CA TRP B 103 5.70 -4.31 -15.48
C TRP B 103 5.63 -5.62 -16.18
N GLY B 104 4.78 -5.68 -17.21
CA GLY B 104 4.61 -6.91 -17.99
C GLY B 104 5.86 -7.28 -18.76
N GLU B 105 6.51 -6.27 -19.34
CA GLU B 105 7.78 -6.49 -20.06
C GLU B 105 8.89 -6.97 -19.14
N SER B 106 9.09 -6.25 -18.05
CA SER B 106 10.06 -6.56 -17.02
C SER B 106 9.89 -7.94 -16.39
N ASN B 107 8.66 -8.42 -16.25
CA ASN B 107 8.39 -9.54 -15.37
C ASN B 107 7.96 -10.80 -16.05
N ARG B 108 7.98 -10.79 -17.38
CA ARG B 108 7.48 -11.89 -18.16
C ARG B 108 8.26 -13.15 -17.80
N ASP B 109 9.59 -13.04 -17.75
CA ASP B 109 10.46 -14.20 -17.47
C ASP B 109 10.23 -14.76 -16.06
N VAL B 110 10.04 -13.89 -15.07
CA VAL B 110 9.88 -14.37 -13.70
C VAL B 110 8.48 -14.89 -13.40
N LEU B 111 7.47 -14.33 -14.05
CA LEU B 111 6.12 -14.91 -13.97
C LEU B 111 6.12 -16.30 -14.56
N GLU B 112 6.89 -16.48 -15.63
N GLU B 112 6.89 -16.48 -15.65
CA GLU B 112 7.02 -17.79 -16.26
CA GLU B 112 7.08 -17.79 -16.27
C GLU B 112 7.68 -18.81 -15.32
C GLU B 112 7.67 -18.81 -15.30
N SER B 113 8.66 -18.37 -14.51
CA SER B 113 9.33 -19.26 -13.52
C SER B 113 8.35 -19.76 -12.47
N TYR B 114 7.62 -18.82 -11.85
CA TYR B 114 6.60 -19.17 -10.88
C TYR B 114 5.56 -20.14 -11.45
N ARG B 115 5.10 -19.87 -12.66
CA ARG B 115 4.14 -20.74 -13.33
C ARG B 115 4.75 -22.11 -13.69
N SER B 116 6.07 -22.15 -13.95
CA SER B 116 6.76 -23.40 -14.35
C SER B 116 6.74 -24.51 -13.29
N ASN B 117 6.19 -24.23 -12.11
CA ASN B 117 5.93 -25.28 -11.10
C ASN B 117 4.81 -24.91 -10.12
N SER C 14 -1.28 14.38 9.38
CA SER C 14 -1.01 13.01 8.86
C SER C 14 -1.31 11.97 9.95
N PRO C 15 -2.20 11.00 9.67
CA PRO C 15 -2.55 10.00 10.72
C PRO C 15 -1.35 9.14 11.18
N VAL C 16 -0.41 8.88 10.27
CA VAL C 16 0.87 8.21 10.63
C VAL C 16 1.60 9.07 11.69
N GLU C 17 1.79 10.36 11.42
CA GLU C 17 2.51 11.18 12.39
C GLU C 17 1.82 11.33 13.76
N PHE C 18 0.49 11.26 13.77
CA PHE C 18 -0.30 11.43 15.03
C PHE C 18 -0.13 10.22 15.94
N THR C 19 -0.07 9.04 15.35
CA THR C 19 0.25 7.81 16.04
C THR C 19 1.70 7.78 16.55
N LEU C 20 2.64 8.07 15.67
CA LEU C 20 4.03 8.18 16.08
C LEU C 20 4.17 9.14 17.26
N ASP C 21 3.40 10.22 17.27
CA ASP C 21 3.36 11.12 18.41
C ASP C 21 3.06 10.41 19.74
N VAL C 22 2.23 9.35 19.70
CA VAL C 22 1.73 8.68 20.89
C VAL C 22 2.71 7.61 21.38
N ILE C 23 3.30 6.92 20.42
CA ILE C 23 4.09 5.73 20.69
C ILE C 23 5.58 5.87 20.30
N GLY C 24 5.96 7.01 19.71
CA GLY C 24 7.36 7.29 19.29
C GLY C 24 8.36 7.86 20.30
N GLY C 25 9.60 8.05 19.85
CA GLY C 25 10.70 8.45 20.73
C GLY C 25 11.52 7.24 21.14
N LYS C 26 12.40 7.42 22.13
CA LYS C 26 13.35 6.37 22.52
C LYS C 26 12.82 5.36 23.53
N TRP C 27 11.68 5.66 24.17
CA TRP C 27 11.25 4.94 25.38
C TRP C 27 9.88 4.36 25.42
N LYS C 28 8.89 5.00 24.79
CA LYS C 28 7.46 4.61 25.02
C LYS C 28 7.13 3.20 24.52
N GLY C 29 7.78 2.79 23.45
CA GLY C 29 7.59 1.45 22.92
C GLY C 29 8.01 0.37 23.90
N ILE C 30 9.13 0.59 24.58
CA ILE C 30 9.62 -0.38 25.56
C ILE C 30 8.72 -0.36 26.78
N LEU C 31 8.34 0.83 27.24
CA LEU C 31 7.49 0.91 28.41
C LEU C 31 6.15 0.20 28.13
N PHE C 32 5.54 0.53 27.00
CA PHE C 32 4.25 -0.06 26.57
C PHE C 32 4.37 -1.60 26.52
N TYR C 33 5.42 -2.07 25.88
CA TYR C 33 5.54 -3.53 25.68
C TYR C 33 5.57 -4.24 27.03
N HIS C 34 6.23 -3.63 28.01
CA HIS C 34 6.32 -4.21 29.32
C HIS C 34 5.09 -4.15 30.16
N MET C 35 4.07 -3.35 29.79
CA MET C 35 2.80 -3.34 30.48
C MET C 35 1.82 -4.31 29.82
N ILE C 36 2.24 -4.97 28.73
CA ILE C 36 1.29 -5.80 28.00
C ILE C 36 0.80 -6.93 28.91
N ASP C 37 1.70 -7.45 29.73
CA ASP C 37 1.37 -8.64 30.54
C ASP C 37 0.94 -8.21 31.93
N GLY C 38 0.77 -6.92 32.19
CA GLY C 38 0.23 -6.49 33.49
C GLY C 38 0.88 -5.21 34.00
N LYS C 39 0.27 -4.62 35.01
CA LYS C 39 0.73 -3.35 35.58
C LYS C 39 2.14 -3.47 36.11
N LYS C 40 2.85 -2.35 36.10
CA LYS C 40 4.23 -2.32 36.52
C LYS C 40 4.47 -1.12 37.42
N ARG C 41 5.37 -1.28 38.38
CA ARG C 41 5.80 -0.17 39.25
C ARG C 41 6.93 0.61 38.61
N PHE C 42 7.14 1.83 39.08
CA PHE C 42 8.19 2.73 38.59
C PHE C 42 9.54 2.00 38.49
N ASN C 43 9.95 1.41 39.59
CA ASN C 43 11.23 0.77 39.66
C ASN C 43 11.38 -0.48 38.80
N GLU C 44 10.26 -1.13 38.50
CA GLU C 44 10.29 -2.20 37.55
C GLU C 44 10.69 -1.69 36.14
N PHE C 45 10.17 -0.52 35.73
CA PHE C 45 10.62 0.10 34.47
C PHE C 45 12.10 0.51 34.54
N ARG C 46 12.54 1.06 35.67
CA ARG C 46 13.95 1.43 35.82
C ARG C 46 14.88 0.25 35.56
N ARG C 47 14.48 -0.97 35.96
CA ARG C 47 15.32 -2.16 35.75
C ARG C 47 15.27 -2.62 34.29
N ILE C 48 14.10 -2.48 33.69
CA ILE C 48 13.87 -2.80 32.27
C ILE C 48 14.69 -1.89 31.36
N CYS C 49 14.78 -0.60 31.72
CA CYS C 49 15.56 0.40 30.98
C CYS C 49 16.65 0.95 31.87
N PRO C 50 17.76 0.21 32.01
CA PRO C 50 18.82 0.68 32.91
C PRO C 50 19.40 2.03 32.52
N SER C 51 19.37 2.35 31.23
CA SER C 51 19.91 3.63 30.78
C SER C 51 18.96 4.82 31.00
N ILE C 52 17.67 4.58 31.26
CA ILE C 52 16.73 5.70 31.38
C ILE C 52 16.90 6.40 32.73
N THR C 53 16.77 7.72 32.74
CA THR C 53 16.79 8.45 34.01
C THR C 53 15.42 8.47 34.66
N GLN C 54 15.41 8.74 35.97
CA GLN C 54 14.16 8.83 36.71
C GLN C 54 13.24 9.93 36.15
N ARG C 55 13.79 11.13 36.00
CA ARG C 55 13.04 12.24 35.45
C ARG C 55 12.47 11.94 34.06
N MET C 56 13.25 11.27 33.20
CA MET C 56 12.82 11.02 31.84
C MET C 56 11.78 9.89 31.84
N LEU C 57 11.89 8.95 32.77
CA LEU C 57 10.85 7.93 32.95
C LEU C 57 9.52 8.57 33.34
N THR C 58 9.55 9.42 34.37
CA THR C 58 8.39 10.18 34.80
C THR C 58 7.76 10.94 33.62
N LEU C 59 8.59 11.70 32.93
CA LEU C 59 8.17 12.45 31.76
CA LEU C 59 8.16 12.44 31.75
C LEU C 59 7.42 11.57 30.76
N GLN C 60 8.04 10.46 30.39
CA GLN C 60 7.52 9.57 29.35
C GLN C 60 6.24 8.87 29.75
N LEU C 61 6.16 8.54 31.03
CA LEU C 61 4.93 7.91 31.56
C LEU C 61 3.82 8.99 31.70
N ARG C 62 4.18 10.24 32.05
CA ARG C 62 3.15 11.27 32.10
C ARG C 62 2.54 11.55 30.74
N GLU C 63 3.36 11.50 29.69
CA GLU C 63 2.88 11.74 28.34
C GLU C 63 1.99 10.58 27.88
N LEU C 64 2.38 9.34 28.15
CA LEU C 64 1.49 8.22 27.82
C LEU C 64 0.16 8.33 28.54
N GLU C 65 0.17 8.75 29.80
CA GLU C 65 -1.07 8.96 30.53
C GLU C 65 -1.90 10.12 29.93
N ALA C 66 -1.26 11.25 29.62
CA ALA C 66 -1.98 12.38 29.06
C ALA C 66 -2.61 12.04 27.70
N ASP C 67 -2.03 11.07 26.97
CA ASP C 67 -2.54 10.60 25.68
C ASP C 67 -3.54 9.46 25.77
N GLY C 68 -3.77 8.93 26.97
CA GLY C 68 -4.92 8.08 27.27
C GLY C 68 -4.51 6.62 27.12
N ILE C 69 -3.21 6.39 27.00
CA ILE C 69 -2.67 5.00 26.75
C ILE C 69 -2.38 4.22 28.03
N VAL C 70 -1.97 4.96 29.08
CA VAL C 70 -1.55 4.39 30.34
C VAL C 70 -2.40 4.96 31.48
N HIS C 71 -2.84 4.09 32.35
CA HIS C 71 -3.54 4.42 33.60
C HIS C 71 -2.54 4.40 34.71
N ARG C 72 -2.50 5.48 35.50
CA ARG C 72 -1.69 5.55 36.72
C ARG C 72 -2.58 5.45 37.98
N GLU C 73 -2.37 4.42 38.77
CA GLU C 73 -3.12 4.20 40.00
C GLU C 73 -2.22 4.54 41.20
N VAL C 74 -2.64 5.51 42.00
CA VAL C 74 -1.90 5.88 43.22
C VAL C 74 -2.59 5.29 44.44
N TYR C 75 -1.79 4.78 45.37
CA TYR C 75 -2.29 4.38 46.69
C TYR C 75 -1.65 5.34 47.65
N HIS C 76 -2.46 6.06 48.41
CA HIS C 76 -1.99 7.24 49.16
C HIS C 76 -1.55 6.94 50.58
N GLN C 77 -0.91 5.80 50.79
CA GLN C 77 -0.21 5.54 52.05
C GLN C 77 1.26 5.98 51.92
N VAL C 78 2.04 5.90 53.00
CA VAL C 78 3.45 6.32 52.98
C VAL C 78 4.39 5.11 53.03
N PRO C 79 5.28 4.96 52.05
CA PRO C 79 5.39 5.70 50.82
C PRO C 79 4.26 5.26 49.88
N PRO C 80 3.86 6.12 48.92
CA PRO C 80 2.84 5.74 47.95
C PRO C 80 3.23 4.61 47.00
N LYS C 81 2.31 3.68 46.77
CA LYS C 81 2.51 2.71 45.69
C LYS C 81 1.85 3.30 44.47
N VAL C 82 2.56 3.23 43.34
CA VAL C 82 2.04 3.73 42.07
C VAL C 82 2.15 2.59 41.07
N GLU C 83 1.07 2.28 40.40
CA GLU C 83 1.06 1.25 39.37
C GLU C 83 0.59 1.79 38.05
N TYR C 84 1.34 1.43 37.00
CA TYR C 84 1.09 1.89 35.67
C TYR C 84 0.63 0.72 34.82
N SER C 85 -0.40 0.97 34.02
CA SER C 85 -1.01 -0.04 33.18
C SER C 85 -1.57 0.53 31.89
N LEU C 86 -1.79 -0.36 30.93
CA LEU C 86 -2.41 0.02 29.67
C LEU C 86 -3.90 0.20 29.92
N THR C 87 -4.45 1.28 29.36
CA THR C 87 -5.89 1.46 29.33
C THR C 87 -6.46 0.57 28.21
N GLU C 88 -7.79 0.47 28.14
CA GLU C 88 -8.45 -0.20 27.00
C GLU C 88 -8.02 0.46 25.68
N PHE C 89 -8.12 1.79 25.62
CA PHE C 89 -7.59 2.53 24.49
C PHE C 89 -6.16 2.09 24.15
N GLY C 90 -5.28 2.05 25.16
CA GLY C 90 -3.88 1.71 25.00
C GLY C 90 -3.69 0.34 24.38
N ARG C 91 -4.48 -0.64 24.83
CA ARG C 91 -4.36 -2.02 24.31
C ARG C 91 -4.65 -2.16 22.83
N THR C 92 -5.38 -1.20 22.26
CA THR C 92 -5.66 -1.21 20.82
C THR C 92 -4.38 -1.00 20.01
N LEU C 93 -3.31 -0.54 20.64
CA LEU C 93 -2.01 -0.38 19.95
C LEU C 93 -1.14 -1.57 20.03
N GLU C 94 -1.53 -2.54 20.84
CA GLU C 94 -0.70 -3.69 21.04
C GLU C 94 -0.33 -4.38 19.71
N PRO C 95 -1.30 -4.52 18.78
CA PRO C 95 -0.85 -5.21 17.54
C PRO C 95 0.29 -4.46 16.80
N ILE C 96 0.20 -3.14 16.77
CA ILE C 96 1.25 -2.34 16.17
C ILE C 96 2.58 -2.53 16.92
N VAL C 97 2.54 -2.43 18.25
CA VAL C 97 3.75 -2.59 19.08
C VAL C 97 4.45 -3.95 18.88
N LEU C 98 3.66 -5.01 18.82
CA LEU C 98 4.19 -6.34 18.61
C LEU C 98 4.81 -6.43 17.22
N GLN C 99 4.25 -5.72 16.25
CA GLN C 99 4.80 -5.76 14.91
C GLN C 99 6.13 -5.04 14.87
N MET C 100 6.21 -3.93 15.61
CA MET C 100 7.46 -3.19 15.72
C MET C 100 8.59 -3.97 16.36
N LYS C 101 8.25 -4.79 17.37
CA LYS C 101 9.22 -5.61 18.08
C LYS C 101 9.77 -6.65 17.11
N GLU C 102 8.87 -7.30 16.41
CA GLU C 102 9.18 -8.36 15.47
C GLU C 102 10.06 -7.88 14.29
N TRP C 103 9.63 -6.78 13.68
CA TRP C 103 10.38 -6.13 12.61
C TRP C 103 11.77 -5.71 13.07
N GLY C 104 11.83 -5.10 14.25
CA GLY C 104 13.09 -4.68 14.87
C GLY C 104 14.01 -5.86 15.13
N GLU C 105 13.45 -6.97 15.60
CA GLU C 105 14.24 -8.19 15.83
C GLU C 105 14.78 -8.77 14.53
N SER C 106 13.95 -8.78 13.49
CA SER C 106 14.33 -9.37 12.23
C SER C 106 15.44 -8.57 11.51
N ASN C 107 15.47 -7.26 11.73
CA ASN C 107 16.21 -6.35 10.86
C ASN C 107 17.29 -5.48 11.53
N ARG C 108 17.43 -5.59 12.85
CA ARG C 108 18.44 -4.87 13.64
C ARG C 108 19.84 -5.00 13.04
N ASP C 109 20.32 -6.23 12.94
CA ASP C 109 21.65 -6.49 12.41
C ASP C 109 21.90 -5.84 11.06
N VAL C 110 20.99 -6.07 10.10
CA VAL C 110 21.22 -5.64 8.72
C VAL C 110 21.23 -4.11 8.57
N LEU C 111 20.48 -3.46 9.45
CA LEU C 111 20.33 -2.00 9.41
C LEU C 111 21.45 -1.29 10.21
N GLU C 112 21.97 -1.96 11.25
CA GLU C 112 23.20 -1.49 11.92
C GLU C 112 24.40 -1.54 10.96
N SER C 113 24.33 -2.46 9.98
CA SER C 113 25.31 -2.58 8.91
C SER C 113 25.43 -1.34 7.98
N TYR C 114 24.50 -0.40 8.02
CA TYR C 114 24.71 0.90 7.38
C TYR C 114 23.98 2.02 8.10
N SER D 14 16.72 -2.57 22.41
CA SER D 14 15.27 -2.84 22.23
C SER D 14 14.81 -2.82 20.75
N PRO D 15 14.26 -3.94 20.29
CA PRO D 15 13.81 -4.05 18.89
C PRO D 15 12.68 -3.11 18.49
N VAL D 16 11.72 -2.87 19.41
CA VAL D 16 10.64 -1.90 19.20
C VAL D 16 11.21 -0.51 18.93
N GLU D 17 12.25 -0.13 19.67
CA GLU D 17 12.79 1.23 19.57
C GLU D 17 13.65 1.39 18.32
N PHE D 18 14.32 0.31 17.92
CA PHE D 18 15.04 0.26 16.66
C PHE D 18 14.12 0.59 15.48
N THR D 19 12.93 -0.01 15.50
CA THR D 19 11.94 0.17 14.44
C THR D 19 11.48 1.63 14.40
N LEU D 20 11.22 2.17 15.57
CA LEU D 20 10.73 3.55 15.67
C LEU D 20 11.82 4.55 15.30
N ASP D 21 13.07 4.10 15.24
CA ASP D 21 14.18 4.96 14.89
C ASP D 21 14.33 5.17 13.39
N VAL D 22 14.09 4.13 12.60
CA VAL D 22 14.15 4.24 11.15
C VAL D 22 13.03 5.13 10.58
N ILE D 23 11.89 5.11 11.26
CA ILE D 23 10.69 5.71 10.75
C ILE D 23 10.22 6.89 11.63
N GLY D 24 11.09 7.35 12.52
CA GLY D 24 10.77 8.42 13.42
C GLY D 24 10.96 9.81 12.91
N GLY D 25 10.58 10.77 13.74
CA GLY D 25 10.70 12.19 13.43
C GLY D 25 9.41 12.72 12.86
N LYS D 26 9.40 13.98 12.45
CA LYS D 26 8.17 14.61 11.99
C LYS D 26 7.79 14.25 10.55
N TRP D 27 8.70 13.67 9.77
CA TRP D 27 8.51 13.64 8.33
C TRP D 27 8.58 12.29 7.70
N LYS D 28 9.42 11.40 8.19
CA LYS D 28 9.66 10.12 7.46
C LYS D 28 8.43 9.28 7.17
N GLY D 29 7.51 9.22 8.14
CA GLY D 29 6.24 8.55 7.99
C GLY D 29 5.47 8.99 6.76
N ILE D 30 5.33 10.29 6.62
CA ILE D 30 4.65 10.93 5.51
C ILE D 30 5.35 10.66 4.20
N LEU D 31 6.67 10.87 4.15
CA LEU D 31 7.47 10.66 2.89
C LEU D 31 7.32 9.22 2.45
N PHE D 32 7.59 8.34 3.39
CA PHE D 32 7.35 6.92 3.18
C PHE D 32 5.99 6.58 2.63
N TYR D 33 4.96 7.01 3.30
CA TYR D 33 3.59 6.71 2.92
C TYR D 33 3.33 7.11 1.48
N HIS D 34 3.82 8.29 1.08
CA HIS D 34 3.62 8.74 -0.27
C HIS D 34 4.44 8.05 -1.34
N MET D 35 5.36 7.18 -0.96
CA MET D 35 6.01 6.36 -1.96
C MET D 35 5.36 5.01 -2.05
N ILE D 36 4.40 4.72 -1.22
CA ILE D 36 3.75 3.40 -1.34
C ILE D 36 3.08 3.17 -2.68
N ASP D 37 2.41 4.20 -3.22
CA ASP D 37 1.73 4.09 -4.50
C ASP D 37 2.61 4.38 -5.70
N GLY D 38 3.91 4.53 -5.49
CA GLY D 38 4.85 4.75 -6.57
C GLY D 38 5.89 5.80 -6.28
N LYS D 39 6.86 5.88 -7.19
CA LYS D 39 8.02 6.72 -7.05
C LYS D 39 7.60 8.18 -7.10
N LYS D 40 8.38 9.02 -6.48
CA LYS D 40 8.05 10.42 -6.41
C LYS D 40 9.29 11.19 -6.67
N ARG D 41 9.10 12.38 -7.23
CA ARG D 41 10.16 13.31 -7.50
C ARG D 41 10.21 14.33 -6.35
N PHE D 42 11.35 14.95 -6.21
CA PHE D 42 11.60 15.91 -5.15
C PHE D 42 10.43 16.91 -5.02
N ASN D 43 10.02 17.49 -6.14
CA ASN D 43 8.99 18.56 -6.11
C ASN D 43 7.61 17.98 -5.80
N GLU D 44 7.39 16.69 -6.07
CA GLU D 44 6.16 16.13 -5.59
C GLU D 44 6.07 16.09 -4.04
N PHE D 45 7.17 15.76 -3.38
CA PHE D 45 7.19 15.78 -1.91
C PHE D 45 6.99 17.19 -1.35
N ARG D 46 7.52 18.20 -2.02
CA ARG D 46 7.34 19.60 -1.58
C ARG D 46 5.88 20.06 -1.54
N ARG D 47 5.12 19.65 -2.53
CA ARG D 47 3.71 19.96 -2.63
C ARG D 47 2.92 19.11 -1.66
N ILE D 48 3.33 17.85 -1.44
CA ILE D 48 2.74 17.04 -0.36
C ILE D 48 3.00 17.67 1.03
N CYS D 49 4.21 18.19 1.28
CA CYS D 49 4.60 18.68 2.60
C CYS D 49 5.02 20.14 2.48
N PRO D 50 4.04 21.03 2.28
CA PRO D 50 4.40 22.42 2.04
C PRO D 50 5.25 23.05 3.13
N SER D 51 5.16 22.56 4.37
CA SER D 51 5.89 23.20 5.49
C SER D 51 7.33 22.73 5.55
N ILE D 52 7.67 21.62 4.90
CA ILE D 52 9.06 21.15 4.94
C ILE D 52 9.97 22.09 4.13
N THR D 53 11.20 22.31 4.59
CA THR D 53 12.19 23.02 3.77
C THR D 53 12.91 22.04 2.86
N GLN D 54 13.50 22.57 1.78
CA GLN D 54 14.30 21.77 0.85
C GLN D 54 15.52 21.14 1.54
N ARG D 55 16.23 21.91 2.38
CA ARG D 55 17.30 21.35 3.20
C ARG D 55 16.79 20.14 3.98
N MET D 56 15.68 20.32 4.71
CA MET D 56 15.16 19.21 5.52
C MET D 56 14.66 18.04 4.68
N LEU D 57 13.98 18.33 3.57
CA LEU D 57 13.49 17.26 2.69
C LEU D 57 14.70 16.46 2.22
N THR D 58 15.77 17.14 1.82
CA THR D 58 16.94 16.44 1.33
C THR D 58 17.54 15.53 2.42
N LEU D 59 17.72 16.08 3.63
CA LEU D 59 18.25 15.32 4.77
C LEU D 59 17.43 14.07 5.13
N GLN D 60 16.10 14.21 5.15
CA GLN D 60 15.23 13.11 5.55
C GLN D 60 15.27 11.98 4.52
N LEU D 61 15.33 12.35 3.23
CA LEU D 61 15.41 11.40 2.12
C LEU D 61 16.79 10.71 2.13
N ARG D 62 17.84 11.44 2.50
CA ARG D 62 19.19 10.90 2.57
C ARG D 62 19.30 9.87 3.66
N GLU D 63 18.68 10.16 4.79
CA GLU D 63 18.65 9.22 5.91
C GLU D 63 17.91 7.93 5.52
N LEU D 64 16.73 8.06 4.89
CA LEU D 64 15.97 6.89 4.46
C LEU D 64 16.77 6.03 3.47
N GLU D 65 17.50 6.71 2.57
CA GLU D 65 18.39 5.99 1.63
C GLU D 65 19.56 5.28 2.36
N ALA D 66 20.23 5.97 3.27
CA ALA D 66 21.34 5.34 4.05
C ALA D 66 20.86 4.13 4.83
N ASP D 67 19.59 4.13 5.25
CA ASP D 67 19.03 3.05 6.02
C ASP D 67 18.45 1.95 5.11
N GLY D 68 18.62 2.11 3.80
CA GLY D 68 18.21 1.11 2.84
C GLY D 68 16.71 1.00 2.59
N ILE D 69 15.96 2.06 2.97
CA ILE D 69 14.49 2.07 2.88
C ILE D 69 14.02 2.70 1.55
N VAL D 70 14.76 3.72 1.11
CA VAL D 70 14.51 4.41 -0.13
C VAL D 70 15.66 4.21 -1.15
N HIS D 71 15.27 4.02 -2.41
CA HIS D 71 16.13 3.98 -3.58
C HIS D 71 16.02 5.29 -4.28
N ARG D 72 17.16 5.84 -4.67
CA ARG D 72 17.22 7.10 -5.43
C ARG D 72 17.71 6.77 -6.82
N GLU D 73 16.84 6.97 -7.83
CA GLU D 73 17.15 6.69 -9.23
C GLU D 73 17.44 8.01 -9.93
N VAL D 74 18.67 8.16 -10.40
CA VAL D 74 19.10 9.33 -11.19
C VAL D 74 19.21 8.93 -12.67
N TYR D 75 18.55 9.69 -13.52
CA TYR D 75 18.55 9.47 -14.94
C TYR D 75 19.59 10.34 -15.61
N HIS D 76 19.94 9.97 -16.85
CA HIS D 76 21.21 10.37 -17.43
C HIS D 76 21.16 11.44 -18.50
N GLN D 77 20.53 12.56 -18.16
CA GLN D 77 20.37 13.70 -19.08
C GLN D 77 19.97 14.96 -18.30
N VAL D 78 20.63 16.09 -18.51
CA VAL D 78 20.39 17.26 -17.67
C VAL D 78 19.22 18.13 -18.13
N PRO D 79 18.51 18.76 -17.17
CA PRO D 79 18.64 18.61 -15.74
C PRO D 79 18.17 17.21 -15.36
N PRO D 80 18.83 16.57 -14.39
CA PRO D 80 18.52 15.16 -14.14
C PRO D 80 17.14 14.87 -13.55
N LYS D 81 16.53 13.77 -13.97
CA LYS D 81 15.32 13.31 -13.34
C LYS D 81 15.76 12.41 -12.20
N VAL D 82 15.25 12.70 -11.01
CA VAL D 82 15.61 11.97 -9.78
C VAL D 82 14.31 11.51 -9.17
N GLU D 83 14.17 10.19 -9.08
CA GLU D 83 13.02 9.55 -8.51
C GLU D 83 13.36 8.74 -7.25
N TYR D 84 12.52 8.94 -6.23
CA TYR D 84 12.60 8.26 -4.92
C TYR D 84 11.51 7.22 -4.82
N SER D 85 11.90 5.98 -4.52
CA SER D 85 11.00 4.85 -4.35
C SER D 85 11.37 4.01 -3.11
N LEU D 86 10.46 3.15 -2.69
CA LEU D 86 10.72 2.24 -1.59
C LEU D 86 11.48 1.04 -2.16
N THR D 87 12.48 0.59 -1.42
CA THR D 87 13.21 -0.61 -1.75
C THR D 87 12.39 -1.80 -1.29
N GLU D 88 12.81 -3.00 -1.70
CA GLU D 88 12.24 -4.24 -1.17
C GLU D 88 12.20 -4.20 0.37
N PHE D 89 13.29 -3.71 0.96
CA PHE D 89 13.40 -3.62 2.38
C PHE D 89 12.38 -2.65 2.91
N GLY D 90 12.31 -1.47 2.28
CA GLY D 90 11.37 -0.42 2.76
C GLY D 90 9.91 -0.89 2.80
N ARG D 91 9.50 -1.62 1.79
CA ARG D 91 8.14 -2.14 1.73
C ARG D 91 7.79 -3.15 2.83
N THR D 92 8.77 -3.77 3.48
CA THR D 92 8.49 -4.58 4.64
C THR D 92 7.92 -3.80 5.84
N LEU D 93 8.06 -2.48 5.83
CA LEU D 93 7.49 -1.62 6.88
C LEU D 93 6.06 -1.18 6.61
N GLU D 94 5.57 -1.44 5.42
CA GLU D 94 4.19 -1.05 5.10
C GLU D 94 3.13 -1.54 6.02
N PRO D 95 3.17 -2.83 6.43
CA PRO D 95 2.13 -3.20 7.39
C PRO D 95 2.12 -2.30 8.65
N ILE D 96 3.29 -2.04 9.23
CA ILE D 96 3.41 -1.10 10.34
C ILE D 96 2.89 0.27 9.98
N VAL D 97 3.40 0.84 8.88
CA VAL D 97 3.09 2.28 8.60
C VAL D 97 1.59 2.38 8.34
N LEU D 98 1.07 1.46 7.54
CA LEU D 98 -0.35 1.47 7.16
C LEU D 98 -1.27 1.13 8.30
N GLN D 99 -0.90 0.20 9.19
CA GLN D 99 -1.72 0.02 10.43
C GLN D 99 -1.73 1.24 11.31
N MET D 100 -0.59 1.89 11.35
CA MET D 100 -0.47 3.15 12.14
C MET D 100 -1.33 4.21 11.55
N LYS D 101 -1.41 4.30 10.22
CA LYS D 101 -2.35 5.25 9.59
C LYS D 101 -3.81 4.95 9.97
N GLU D 102 -4.15 3.70 9.93
CA GLU D 102 -5.51 3.25 10.17
C GLU D 102 -5.91 3.46 11.63
N TRP D 103 -4.99 3.16 12.53
CA TRP D 103 -5.21 3.41 13.94
C TRP D 103 -5.38 4.88 14.20
N GLY D 104 -4.50 5.68 13.63
CA GLY D 104 -4.57 7.13 13.79
C GLY D 104 -5.85 7.68 13.23
N GLU D 105 -6.30 7.16 12.09
CA GLU D 105 -7.58 7.60 11.56
C GLU D 105 -8.78 7.14 12.39
N SER D 106 -8.88 5.84 12.62
CA SER D 106 -9.95 5.26 13.42
C SER D 106 -10.10 5.86 14.82
N ASN D 107 -8.98 6.25 15.44
CA ASN D 107 -8.97 6.69 16.84
C ASN D 107 -8.74 8.19 16.98
N ARG D 108 -9.06 8.92 15.91
CA ARG D 108 -8.95 10.39 15.88
C ARG D 108 -9.68 11.03 17.09
N ASP D 109 -10.88 10.54 17.37
CA ASP D 109 -11.72 11.16 18.41
C ASP D 109 -11.24 10.85 19.83
N VAL D 110 -10.90 9.59 20.09
CA VAL D 110 -10.39 9.14 21.40
C VAL D 110 -9.05 9.83 21.71
N LEU D 111 -8.21 10.00 20.68
CA LEU D 111 -6.93 10.73 20.79
C LEU D 111 -7.18 12.17 21.19
N GLU D 112 -8.04 12.86 20.44
CA GLU D 112 -8.32 14.29 20.69
C GLU D 112 -9.01 14.54 22.03
N SER D 113 -9.79 13.57 22.49
CA SER D 113 -10.47 13.61 23.80
C SER D 113 -9.44 13.87 24.91
N TYR D 114 -8.25 13.32 24.71
CA TYR D 114 -7.08 13.58 25.56
C TYR D 114 -6.28 14.77 25.05
C1 BME E . -11.15 -16.71 11.83
C2 BME E . -11.44 -15.74 12.94
O1 BME E . -9.79 -16.48 11.39
S2 BME E . -10.79 -14.16 12.36
C1 BME F . -8.46 0.05 -44.31
C2 BME F . -7.13 0.34 -44.91
O1 BME F . -8.73 1.11 -43.38
S2 BME F . -6.11 0.82 -43.50
C1 BME G . 10.56 -0.38 44.47
C2 BME G . 11.16 -1.73 44.79
O1 BME G . 9.24 -0.53 43.90
S2 BME G . 10.57 -2.86 43.52
C1 BME H . 8.73 19.52 -11.03
C2 BME H . 7.49 19.37 -11.86
O1 BME H . 9.26 18.19 -10.83
S2 BME H . 6.58 18.05 -11.02
C1 EDO I . 7.23 1.86 -7.14
O1 EDO I . 7.80 1.60 -5.90
C2 EDO I . 8.02 2.70 -8.08
O2 EDO I . 7.12 3.04 -9.10
#